data_5FTE
#
_entry.id   5FTE
#
_cell.length_a   86.743
_cell.length_b   86.743
_cell.length_c   149.222
_cell.angle_alpha   90.00
_cell.angle_beta   90.00
_cell.angle_gamma   120.00
#
_symmetry.space_group_name_H-M   'P 31 2 1'
#
loop_
_entity.id
_entity.type
_entity.pdbx_description
1 polymer 'TPR DOMAIN PROTEIN'
2 polymer "5'-D(*TP*TP*TP*TP*TP*TP)-3'"
3 non-polymer "ADENOSINE-5'-DIPHOSPHATE"
4 non-polymer 'ALUMINUM FLUORIDE'
5 non-polymer 'MAGNESIUM ION'
#
loop_
_entity_poly.entity_id
_entity_poly.type
_entity_poly.pdbx_seq_one_letter_code
_entity_poly.pdbx_strand_id
1 'polypeptide(L)'
;MEDMILTEEMQKIMNLIQDDENNVFVTGKAGSGKTTFLKYLIEKSGKNCIVAAPTGIAAINAGGVTLHSLFGIPFGPITP
YDRLENKFSEYKVELLLKMELLIIDEISMVRPDILDTIDRKLRWVYESDEPFGGVQVIMFGDLFQLPPVTKKQEREILSD
FYDGFFFFNALVFKRTGFHIVELTKIFRQTEPEFINVLNNIRNYQVTSDELDLLSELKDRKISSSYDNEYIHICTHKADV
EKINADKLGEQEIRNYDIVIKDKFPESSIPCDLHLKLRVGARVMSLVNDSLKGYYNGMLGIVTALEDNVITVRMDNGRTI
KFERYTWSNTQYTLKDNEIVKEEIGSCTQFPLTLAWAITIHKSQGLTFDKIIIHVSHTFCPGQLYVALSRCRTLEGIVSD
AFITKQMIIPEYALIDFERAYKSEGNYYGKRLD
;
A
2 'polydeoxyribonucleotide' (DT)(DT)(DT)(DT)(DT)(DT) D
#
# COMPACT_ATOMS: atom_id res chain seq x y z
N ASP A 3 -2.72 3.05 -25.84
CA ASP A 3 -2.60 4.03 -24.76
C ASP A 3 -1.17 4.10 -24.23
N MET A 4 -0.63 2.95 -23.83
CA MET A 4 0.66 2.90 -23.16
C MET A 4 1.80 3.07 -24.15
N ILE A 5 2.91 3.61 -23.65
CA ILE A 5 4.15 3.76 -24.39
C ILE A 5 5.20 2.86 -23.76
N LEU A 6 5.95 2.13 -24.59
CA LEU A 6 6.99 1.22 -24.12
C LEU A 6 8.35 1.89 -24.27
N THR A 7 8.95 2.25 -23.14
CA THR A 7 10.26 2.87 -23.14
C THR A 7 11.35 1.84 -23.44
N GLU A 8 12.52 2.34 -23.86
CA GLU A 8 13.66 1.47 -24.10
C GLU A 8 14.01 0.66 -22.86
N GLU A 9 13.86 1.27 -21.68
CA GLU A 9 14.14 0.54 -20.45
C GLU A 9 13.10 -0.53 -20.18
N MET A 10 11.84 -0.29 -20.57
CA MET A 10 10.78 -1.25 -20.29
C MET A 10 11.00 -2.55 -21.05
N GLN A 11 11.31 -2.47 -22.34
CA GLN A 11 11.67 -3.68 -23.09
C GLN A 11 12.94 -4.29 -22.54
N LYS A 12 13.91 -3.45 -22.14
CA LYS A 12 15.12 -3.95 -21.49
C LYS A 12 14.78 -4.69 -20.21
N ILE A 13 13.78 -4.22 -19.47
CA ILE A 13 13.32 -4.93 -18.28
C ILE A 13 12.58 -6.21 -18.68
N MET A 14 11.79 -6.13 -19.74
CA MET A 14 11.04 -7.30 -20.21
C MET A 14 11.96 -8.46 -20.57
N ASN A 15 13.15 -8.16 -21.12
CA ASN A 15 14.06 -9.21 -21.53
C ASN A 15 14.77 -9.85 -20.35
N LEU A 16 15.05 -9.09 -19.29
CA LEU A 16 15.78 -9.64 -18.15
C LEU A 16 14.97 -10.73 -17.45
N ILE A 17 13.64 -10.62 -17.45
CA ILE A 17 12.79 -11.58 -16.76
C ILE A 17 12.36 -12.74 -17.66
N GLN A 18 12.84 -12.79 -18.91
CA GLN A 18 12.53 -13.92 -19.78
C GLN A 18 13.21 -15.21 -19.34
N ASP A 19 14.21 -15.14 -18.45
CA ASP A 19 14.78 -16.32 -17.82
C ASP A 19 14.22 -16.47 -16.41
N ASP A 20 13.99 -17.71 -16.00
CA ASP A 20 13.23 -17.97 -14.78
C ASP A 20 14.02 -17.58 -13.53
N GLU A 21 15.34 -17.70 -13.57
CA GLU A 21 16.17 -17.66 -12.37
C GLU A 21 16.57 -16.26 -11.93
N ASN A 22 16.11 -15.22 -12.61
CA ASN A 22 16.48 -13.85 -12.29
C ASN A 22 15.33 -13.15 -11.58
N ASN A 23 15.58 -12.72 -10.34
CA ASN A 23 14.68 -11.82 -9.64
C ASN A 23 15.07 -10.38 -9.97
N VAL A 24 14.06 -9.52 -10.12
CA VAL A 24 14.27 -8.15 -10.59
C VAL A 24 13.50 -7.19 -9.70
N PHE A 25 14.16 -6.11 -9.30
CA PHE A 25 13.54 -4.99 -8.60
C PHE A 25 13.45 -3.82 -9.58
N VAL A 26 12.23 -3.43 -9.93
CA VAL A 26 12.01 -2.34 -10.88
C VAL A 26 11.64 -1.11 -10.07
N THR A 27 12.55 -0.13 -10.01
CA THR A 27 12.33 1.11 -9.30
C THR A 27 12.12 2.25 -10.31
N GLY A 28 11.86 3.43 -9.77
CA GLY A 28 11.74 4.63 -10.57
C GLY A 28 11.05 5.72 -9.80
N LYS A 29 11.18 6.94 -10.30
CA LYS A 29 10.57 8.08 -9.64
C LYS A 29 9.06 8.00 -9.72
N ALA A 30 8.40 8.75 -8.84
CA ALA A 30 6.94 8.77 -8.83
C ALA A 30 6.40 9.22 -10.19
N GLY A 31 5.55 8.39 -10.78
CA GLY A 31 5.04 8.64 -12.11
C GLY A 31 5.87 8.06 -13.24
N SER A 32 6.91 7.30 -12.92
CA SER A 32 7.79 6.74 -13.96
C SER A 32 7.12 5.65 -14.79
N GLY A 33 5.95 5.17 -14.37
CA GLY A 33 5.28 4.12 -15.09
C GLY A 33 5.59 2.71 -14.63
N LYS A 34 6.03 2.54 -13.39
CA LYS A 34 6.32 1.20 -12.88
C LYS A 34 5.04 0.46 -12.50
N THR A 35 4.28 1.00 -11.53
CA THR A 35 3.01 0.40 -11.15
C THR A 35 2.07 0.25 -12.35
N THR A 36 2.28 1.02 -13.42
CA THR A 36 1.61 0.78 -14.69
C THR A 36 2.24 -0.40 -15.42
N PHE A 37 3.54 -0.31 -15.70
CA PHE A 37 4.24 -1.32 -16.50
C PHE A 37 3.95 -2.75 -16.04
N LEU A 38 3.74 -2.95 -14.73
CA LEU A 38 3.43 -4.30 -14.27
C LEU A 38 2.09 -4.79 -14.79
N LYS A 39 1.15 -3.87 -15.06
CA LYS A 39 -0.09 -4.28 -15.72
C LYS A 39 0.19 -4.81 -17.12
N TYR A 40 1.23 -4.31 -17.77
CA TYR A 40 1.57 -4.74 -19.12
C TYR A 40 2.32 -6.06 -19.10
N LEU A 41 3.07 -6.33 -18.02
CA LEU A 41 3.84 -7.57 -17.94
C LEU A 41 2.94 -8.77 -17.71
N ILE A 42 1.83 -8.60 -16.99
CA ILE A 42 0.99 -9.72 -16.59
C ILE A 42 0.42 -10.46 -17.79
N GLU A 43 0.29 -9.78 -18.93
CA GLU A 43 -0.58 -10.25 -20.01
C GLU A 43 0.12 -11.21 -20.97
N LYS A 44 1.37 -11.62 -20.69
CA LYS A 44 2.10 -12.52 -21.57
C LYS A 44 2.52 -13.83 -20.92
N SER A 45 3.38 -13.80 -19.90
CA SER A 45 4.20 -14.98 -19.59
C SER A 45 3.34 -16.11 -19.06
N GLY A 46 3.37 -17.24 -19.78
CA GLY A 46 2.66 -18.46 -19.40
C GLY A 46 1.19 -18.21 -19.16
N LYS A 47 0.54 -19.09 -18.42
CA LYS A 47 -0.58 -18.65 -17.58
C LYS A 47 -0.09 -18.87 -16.16
N ASN A 48 0.52 -17.82 -15.60
CA ASN A 48 0.79 -17.71 -14.19
C ASN A 48 1.09 -16.26 -13.90
N CYS A 49 0.62 -15.78 -12.74
CA CYS A 49 1.11 -14.60 -12.04
C CYS A 49 0.22 -14.32 -10.84
N ILE A 50 0.77 -13.65 -9.84
CA ILE A 50 0.05 -13.18 -8.66
C ILE A 50 0.49 -11.75 -8.41
N VAL A 51 -0.47 -10.87 -8.15
CA VAL A 51 -0.19 -9.47 -7.84
C VAL A 51 -0.53 -9.22 -6.39
N ALA A 52 0.33 -8.47 -5.70
CA ALA A 52 0.10 -8.13 -4.30
C ALA A 52 0.87 -6.87 -3.96
N ALA A 53 0.45 -6.23 -2.87
CA ALA A 53 1.12 -5.03 -2.39
C ALA A 53 0.98 -4.98 -0.88
N PRO A 54 1.66 -4.03 -0.22
CA PRO A 54 1.47 -3.91 1.24
C PRO A 54 0.12 -3.36 1.63
N THR A 55 -0.41 -2.39 0.89
CA THR A 55 -1.64 -1.70 1.24
C THR A 55 -2.79 -2.17 0.35
N GLY A 56 -4.00 -2.17 0.92
CA GLY A 56 -5.16 -2.61 0.17
C GLY A 56 -5.43 -1.78 -1.06
N ILE A 57 -5.10 -0.49 -1.01
CA ILE A 57 -5.38 0.39 -2.15
C ILE A 57 -4.36 0.18 -3.26
N ALA A 58 -3.07 0.14 -2.92
CA ALA A 58 -2.05 -0.12 -3.93
C ALA A 58 -2.23 -1.50 -4.54
N ALA A 59 -2.81 -2.44 -3.78
CA ALA A 59 -3.18 -3.73 -4.34
C ALA A 59 -4.28 -3.57 -5.40
N ILE A 60 -5.28 -2.74 -5.11
CA ILE A 60 -6.31 -2.45 -6.10
C ILE A 60 -5.71 -1.75 -7.31
N ASN A 61 -4.78 -0.82 -7.07
CA ASN A 61 -4.16 -0.07 -8.16
C ASN A 61 -3.39 -0.99 -9.10
N ALA A 62 -2.78 -2.04 -8.57
CA ALA A 62 -2.07 -3.02 -9.38
C ALA A 62 -2.92 -4.23 -9.74
N GLY A 63 -4.16 -4.30 -9.27
CA GLY A 63 -5.02 -5.43 -9.53
C GLY A 63 -4.80 -6.64 -8.65
N GLY A 64 -4.07 -6.49 -7.55
CA GLY A 64 -3.77 -7.60 -6.67
C GLY A 64 -4.51 -7.56 -5.34
N VAL A 65 -3.93 -8.19 -4.32
CA VAL A 65 -4.48 -8.23 -2.98
C VAL A 65 -3.38 -7.81 -2.00
N THR A 66 -3.73 -7.79 -0.71
CA THR A 66 -2.74 -7.51 0.32
C THR A 66 -1.87 -8.74 0.56
N LEU A 67 -0.63 -8.48 0.99
CA LEU A 67 0.26 -9.59 1.31
C LEU A 67 -0.24 -10.35 2.53
N HIS A 68 -0.84 -9.65 3.49
CA HIS A 68 -1.32 -10.31 4.70
C HIS A 68 -2.52 -11.21 4.42
N SER A 69 -3.36 -10.84 3.46
CA SER A 69 -4.50 -11.69 3.12
C SER A 69 -4.09 -12.86 2.25
N LEU A 70 -3.16 -12.63 1.32
CA LEU A 70 -2.75 -13.68 0.39
C LEU A 70 -2.01 -14.80 1.12
N PHE A 71 -1.02 -14.45 1.92
CA PHE A 71 -0.19 -15.43 2.62
C PHE A 71 -0.66 -15.70 4.04
N GLY A 72 -1.73 -15.06 4.49
CA GLY A 72 -2.21 -15.26 5.85
C GLY A 72 -1.21 -14.86 6.91
N ILE A 73 -0.71 -13.64 6.82
CA ILE A 73 0.32 -13.13 7.73
C ILE A 73 -0.37 -12.34 8.84
N PRO A 74 -0.19 -12.72 10.10
CA PRO A 74 -0.76 -11.92 11.19
C PRO A 74 0.02 -10.62 11.36
N PHE A 75 -0.60 -9.69 12.06
CA PHE A 75 0.04 -8.41 12.35
C PHE A 75 1.19 -8.62 13.33
N GLY A 76 2.27 -7.88 13.13
CA GLY A 76 3.43 -8.00 13.98
C GLY A 76 4.53 -8.81 13.32
N PRO A 77 5.78 -8.52 13.70
CA PRO A 77 6.91 -9.17 13.06
C PRO A 77 7.05 -10.63 13.47
N ILE A 78 7.56 -11.43 12.54
CA ILE A 78 7.83 -12.84 12.77
C ILE A 78 9.34 -13.03 12.69
N THR A 79 9.95 -13.37 13.82
CA THR A 79 11.36 -13.70 13.86
C THR A 79 11.57 -15.11 13.36
N PRO A 80 12.81 -15.46 12.94
CA PRO A 80 13.07 -16.85 12.57
C PRO A 80 12.78 -17.84 13.68
N TYR A 81 12.82 -17.41 14.93
CA TYR A 81 12.45 -18.25 16.06
C TYR A 81 10.95 -18.28 16.31
N ASP A 82 10.20 -17.37 15.71
CA ASP A 82 8.75 -17.35 15.89
C ASP A 82 8.08 -18.43 15.07
N ARG A 83 7.00 -18.98 15.63
CA ARG A 83 6.30 -20.09 15.01
C ARG A 83 5.32 -19.59 13.97
N LEU A 84 5.13 -20.39 12.92
CA LEU A 84 4.14 -20.07 11.89
C LEU A 84 2.74 -20.32 12.42
N GLU A 85 1.92 -19.28 12.45
CA GLU A 85 0.62 -19.35 13.12
C GLU A 85 -0.44 -19.99 12.25
N ASN A 86 -0.51 -19.62 10.97
CA ASN A 86 -1.65 -19.93 10.12
C ASN A 86 -1.28 -20.96 9.06
N LYS A 87 -2.23 -21.83 8.76
CA LYS A 87 -2.06 -22.92 7.81
C LYS A 87 -2.85 -22.61 6.54
N PHE A 88 -2.22 -22.79 5.39
CA PHE A 88 -2.90 -22.61 4.12
C PHE A 88 -3.97 -23.66 3.94
N SER A 89 -5.11 -23.26 3.36
CA SER A 89 -6.13 -24.22 2.98
C SER A 89 -5.71 -24.91 1.68
N GLU A 90 -6.52 -25.88 1.23
CA GLU A 90 -6.21 -26.57 -0.01
C GLU A 90 -6.55 -25.73 -1.23
N TYR A 91 -7.47 -24.77 -1.10
CA TYR A 91 -7.75 -23.86 -2.19
C TYR A 91 -6.63 -22.84 -2.35
N LYS A 92 -5.98 -22.45 -1.24
CA LYS A 92 -4.87 -21.51 -1.30
C LYS A 92 -3.57 -22.18 -1.72
N VAL A 93 -3.36 -23.45 -1.32
CA VAL A 93 -2.14 -24.15 -1.67
C VAL A 93 -2.03 -24.32 -3.18
N GLU A 94 -3.14 -24.69 -3.83
CA GLU A 94 -3.14 -24.83 -5.28
C GLU A 94 -2.81 -23.51 -5.96
N LEU A 95 -3.29 -22.40 -5.41
CA LEU A 95 -2.93 -21.08 -5.91
C LEU A 95 -1.41 -20.89 -5.92
N LEU A 96 -0.81 -20.96 -4.73
CA LEU A 96 0.64 -20.71 -4.61
C LEU A 96 1.45 -21.72 -5.40
N LEU A 97 0.99 -22.98 -5.47
CA LEU A 97 1.72 -23.98 -6.24
C LEU A 97 1.62 -23.71 -7.73
N LYS A 98 0.44 -23.36 -8.23
CA LYS A 98 0.28 -23.05 -9.65
C LYS A 98 0.88 -21.69 -10.01
N MET A 99 1.07 -20.81 -9.04
CA MET A 99 1.74 -19.54 -9.32
C MET A 99 3.21 -19.79 -9.59
N GLU A 100 3.68 -19.43 -10.78
CA GLU A 100 5.09 -19.52 -11.11
C GLU A 100 5.81 -18.18 -11.04
N LEU A 101 5.10 -17.09 -10.77
CA LEU A 101 5.71 -15.77 -10.71
C LEU A 101 4.98 -14.93 -9.68
N LEU A 102 5.75 -14.17 -8.89
CA LEU A 102 5.20 -13.32 -7.83
C LEU A 102 5.54 -11.87 -8.12
N ILE A 103 4.54 -11.01 -8.03
CA ILE A 103 4.70 -9.57 -8.25
C ILE A 103 4.29 -8.84 -6.97
N ILE A 104 5.19 -8.00 -6.46
CA ILE A 104 4.92 -7.20 -5.28
C ILE A 104 5.03 -5.73 -5.67
N ASP A 105 3.90 -5.02 -5.65
CA ASP A 105 3.86 -3.61 -6.00
C ASP A 105 4.12 -2.75 -4.78
N GLU A 106 4.81 -1.62 -4.99
CA GLU A 106 5.14 -0.68 -3.93
C GLU A 106 5.88 -1.38 -2.79
N ILE A 107 7.08 -1.86 -3.14
CA ILE A 107 7.87 -2.67 -2.21
C ILE A 107 8.47 -1.83 -1.09
N SER A 108 8.51 -0.51 -1.24
CA SER A 108 9.16 0.35 -0.25
C SER A 108 8.48 0.25 1.11
N MET A 109 7.19 -0.07 1.14
CA MET A 109 6.43 -0.15 2.38
C MET A 109 6.39 -1.55 2.98
N VAL A 110 7.14 -2.50 2.40
CA VAL A 110 7.16 -3.87 2.89
C VAL A 110 8.25 -4.03 3.93
N ARG A 111 7.88 -4.58 5.08
CA ARG A 111 8.86 -4.92 6.11
C ARG A 111 9.76 -6.07 5.63
N PRO A 112 11.02 -6.09 6.06
CA PRO A 112 11.90 -7.20 5.63
C PRO A 112 11.48 -8.55 6.21
N ASP A 113 10.90 -8.57 7.41
CA ASP A 113 10.45 -9.84 7.99
C ASP A 113 9.27 -10.41 7.22
N ILE A 114 8.48 -9.56 6.56
CA ILE A 114 7.38 -10.05 5.74
C ILE A 114 7.91 -10.91 4.61
N LEU A 115 8.95 -10.44 3.91
CA LEU A 115 9.53 -11.21 2.82
C LEU A 115 10.05 -12.55 3.29
N ASP A 116 10.72 -12.57 4.46
CA ASP A 116 11.17 -13.84 5.02
C ASP A 116 10.00 -14.71 5.44
N THR A 117 8.89 -14.11 5.86
CA THR A 117 7.68 -14.87 6.10
C THR A 117 7.13 -15.42 4.79
N ILE A 118 7.22 -14.64 3.72
CA ILE A 118 6.87 -15.15 2.39
C ILE A 118 7.77 -16.33 2.02
N ASP A 119 9.06 -16.19 2.30
CA ASP A 119 10.02 -17.25 1.95
C ASP A 119 9.70 -18.54 2.70
N ARG A 120 9.54 -18.44 4.02
CA ARG A 120 9.30 -19.64 4.83
C ARG A 120 7.98 -20.31 4.44
N LYS A 121 6.96 -19.51 4.16
CA LYS A 121 5.67 -20.09 3.76
C LYS A 121 5.75 -20.66 2.35
N LEU A 122 6.50 -20.03 1.45
CA LEU A 122 6.66 -20.57 0.10
C LEU A 122 7.56 -21.80 0.10
N ARG A 123 8.62 -21.79 0.92
CA ARG A 123 9.50 -22.94 0.98
C ARG A 123 8.78 -24.18 1.49
N TRP A 124 7.87 -24.00 2.45
CA TRP A 124 7.15 -25.14 2.99
C TRP A 124 6.02 -25.59 2.06
N VAL A 125 5.28 -24.63 1.48
CA VAL A 125 4.16 -25.00 0.62
C VAL A 125 4.66 -25.66 -0.66
N TYR A 126 5.84 -25.27 -1.14
CA TYR A 126 6.47 -25.92 -2.28
C TYR A 126 7.26 -27.15 -1.87
N GLU A 127 7.53 -27.33 -0.58
CA GLU A 127 8.40 -28.38 -0.07
C GLU A 127 9.75 -28.36 -0.78
N SER A 128 10.46 -27.26 -0.54
CA SER A 128 11.74 -27.02 -1.20
C SER A 128 12.61 -26.18 -0.28
N ASP A 129 13.92 -26.38 -0.39
CA ASP A 129 14.90 -25.58 0.34
C ASP A 129 15.35 -24.35 -0.45
N GLU A 130 14.96 -24.24 -1.71
CA GLU A 130 15.28 -23.05 -2.50
C GLU A 130 14.53 -21.84 -1.94
N PRO A 131 15.13 -20.65 -2.04
CA PRO A 131 14.45 -19.45 -1.52
C PRO A 131 13.16 -19.17 -2.30
N PHE A 132 12.12 -18.79 -1.56
CA PHE A 132 10.79 -18.51 -2.11
C PHE A 132 10.19 -19.73 -2.82
N GLY A 133 10.64 -20.93 -2.48
CA GLY A 133 10.19 -22.12 -3.18
C GLY A 133 10.59 -22.15 -4.64
N GLY A 134 11.67 -21.44 -5.01
CA GLY A 134 12.07 -21.37 -6.39
C GLY A 134 11.18 -20.53 -7.27
N VAL A 135 10.36 -19.66 -6.68
CA VAL A 135 9.42 -18.84 -7.43
C VAL A 135 10.09 -17.53 -7.83
N GLN A 136 9.91 -17.14 -9.08
CA GLN A 136 10.46 -15.87 -9.55
C GLN A 136 9.69 -14.71 -8.94
N VAL A 137 10.42 -13.69 -8.48
CA VAL A 137 9.86 -12.53 -7.82
C VAL A 137 10.29 -11.28 -8.56
N ILE A 138 9.35 -10.38 -8.81
CA ILE A 138 9.62 -9.06 -9.37
C ILE A 138 8.97 -8.03 -8.46
N MET A 139 9.75 -7.04 -8.04
CA MET A 139 9.32 -6.04 -7.07
C MET A 139 9.28 -4.67 -7.72
N PHE A 140 8.15 -4.00 -7.62
CA PHE A 140 7.97 -2.64 -8.11
C PHE A 140 7.87 -1.69 -6.93
N GLY A 141 8.59 -0.58 -6.99
CA GLY A 141 8.48 0.44 -5.97
C GLY A 141 9.63 1.40 -6.03
N ASP A 142 9.46 2.51 -5.32
CA ASP A 142 10.48 3.55 -5.22
C ASP A 142 10.88 3.68 -3.76
N LEU A 143 12.13 3.35 -3.45
CA LEU A 143 12.60 3.40 -2.07
C LEU A 143 12.53 4.81 -1.48
N PHE A 144 12.48 5.83 -2.33
CA PHE A 144 12.46 7.21 -1.89
C PHE A 144 11.04 7.74 -1.65
N GLN A 145 10.03 6.88 -1.71
CA GLN A 145 8.69 7.38 -1.40
C GLN A 145 8.49 7.46 0.11
N LEU A 146 8.18 6.34 0.76
CA LEU A 146 8.17 6.32 2.22
C LEU A 146 8.44 4.90 2.70
N PRO A 147 8.95 4.74 3.92
CA PRO A 147 9.32 3.41 4.41
C PRO A 147 8.13 2.69 5.02
N PRO A 148 8.30 1.44 5.51
CA PRO A 148 7.19 0.74 6.17
C PRO A 148 6.91 1.22 7.58
N VAL A 149 6.01 0.53 8.28
CA VAL A 149 5.80 0.71 9.72
C VAL A 149 6.21 -0.60 10.39
N THR A 150 7.33 -0.69 11.15
CA THR A 150 8.15 0.37 11.78
C THR A 150 7.39 1.12 12.88
N LYS A 151 6.77 0.35 13.78
CA LYS A 151 6.52 0.81 15.15
C LYS A 151 7.78 0.61 15.99
N LYS A 152 7.90 1.40 17.06
CA LYS A 152 9.11 1.33 17.88
C LYS A 152 9.21 0.01 18.63
N GLN A 153 8.07 -0.56 19.05
CA GLN A 153 8.09 -1.84 19.74
C GLN A 153 8.64 -2.94 18.84
N GLU A 154 8.32 -2.88 17.55
CA GLU A 154 8.70 -3.90 16.58
C GLU A 154 10.11 -3.71 16.03
N ARG A 155 10.70 -2.54 16.23
CA ARG A 155 12.04 -2.27 15.69
C ARG A 155 13.11 -2.97 16.50
N GLU A 156 13.20 -2.67 17.79
CA GLU A 156 14.13 -3.35 18.69
C GLU A 156 14.00 -4.87 18.58
N ILE A 157 12.80 -5.37 18.32
CA ILE A 157 12.61 -6.81 18.15
C ILE A 157 13.26 -7.28 16.85
N LEU A 158 13.10 -6.52 15.77
CA LEU A 158 13.68 -6.93 14.50
C LEU A 158 15.17 -6.63 14.41
N SER A 159 15.65 -5.58 15.09
CA SER A 159 17.07 -5.25 15.05
C SER A 159 17.93 -6.35 15.66
N ASP A 160 17.34 -7.31 16.36
CA ASP A 160 18.08 -8.50 16.77
C ASP A 160 18.49 -9.33 15.56
N PHE A 161 17.52 -9.67 14.71
CA PHE A 161 17.77 -10.51 13.55
C PHE A 161 18.07 -9.74 12.27
N TYR A 162 17.89 -8.41 12.28
CA TYR A 162 17.97 -7.63 11.05
C TYR A 162 18.91 -6.45 11.23
N ASP A 163 19.75 -6.23 10.21
CA ASP A 163 20.62 -5.06 10.20
C ASP A 163 19.89 -3.80 9.76
N GLY A 164 18.78 -3.93 9.05
CA GLY A 164 18.02 -2.78 8.60
C GLY A 164 16.55 -3.10 8.50
N PHE A 165 15.75 -2.05 8.48
CA PHE A 165 14.29 -2.14 8.49
C PHE A 165 13.66 -2.04 7.11
N PHE A 166 14.47 -2.02 6.05
CA PHE A 166 13.99 -1.87 4.69
C PHE A 166 14.00 -3.22 3.98
N PHE A 167 13.08 -3.36 3.02
CA PHE A 167 12.78 -4.66 2.43
C PHE A 167 14.02 -5.41 1.96
N PHE A 168 15.02 -4.70 1.46
CA PHE A 168 16.21 -5.37 0.95
C PHE A 168 17.08 -5.96 2.05
N ASN A 169 16.85 -5.56 3.31
CA ASN A 169 17.59 -6.11 4.44
C ASN A 169 17.16 -7.52 4.80
N ALA A 170 16.15 -8.07 4.12
CA ALA A 170 15.63 -9.39 4.48
C ALA A 170 16.72 -10.44 4.41
N LEU A 171 16.58 -11.46 5.27
CA LEU A 171 17.57 -12.52 5.40
C LEU A 171 17.51 -13.53 4.26
N VAL A 172 16.46 -13.50 3.43
CA VAL A 172 16.44 -14.37 2.26
C VAL A 172 17.43 -13.89 1.21
N PHE A 173 17.88 -12.65 1.30
CA PHE A 173 18.87 -12.13 0.36
C PHE A 173 20.29 -12.53 0.73
N LYS A 174 20.47 -13.24 1.85
CA LYS A 174 21.68 -14.03 2.02
C LYS A 174 21.70 -15.21 1.06
N ARG A 175 20.53 -15.82 0.84
CA ARG A 175 20.40 -17.02 0.02
C ARG A 175 20.17 -16.72 -1.46
N THR A 176 19.84 -15.48 -1.82
CA THR A 176 19.58 -15.14 -3.23
C THR A 176 19.77 -13.64 -3.39
N GLY A 177 19.44 -13.13 -4.57
CA GLY A 177 19.58 -11.73 -4.87
C GLY A 177 18.67 -11.32 -6.01
N PHE A 178 18.82 -10.07 -6.44
CA PHE A 178 17.95 -9.53 -7.47
C PHE A 178 18.66 -8.44 -8.26
N HIS A 179 18.25 -8.28 -9.52
CA HIS A 179 18.68 -7.16 -10.34
C HIS A 179 17.86 -5.91 -10.01
N ILE A 180 18.45 -4.75 -10.31
CA ILE A 180 17.78 -3.47 -10.10
C ILE A 180 17.85 -2.68 -11.41
N VAL A 181 16.68 -2.27 -11.92
CA VAL A 181 16.59 -1.42 -13.09
C VAL A 181 15.69 -0.25 -12.76
N GLU A 182 16.09 0.94 -13.19
CA GLU A 182 15.36 2.18 -12.91
C GLU A 182 14.78 2.75 -14.18
N LEU A 183 13.56 3.29 -14.08
CA LEU A 183 12.90 3.97 -15.18
C LEU A 183 13.18 5.46 -15.08
N THR A 184 13.76 6.04 -16.13
CA THR A 184 14.21 7.43 -16.11
C THR A 184 13.22 8.41 -16.71
N LYS A 185 12.06 7.94 -17.17
CA LYS A 185 11.08 8.81 -17.84
C LYS A 185 9.84 8.92 -16.97
N ILE A 186 9.37 10.16 -16.77
CA ILE A 186 8.21 10.44 -15.93
C ILE A 186 7.00 10.69 -16.83
N PHE A 187 5.83 10.24 -16.37
CA PHE A 187 4.60 10.31 -17.15
C PHE A 187 3.53 11.14 -16.44
N ARG A 188 3.17 10.77 -15.21
CA ARG A 188 2.08 11.38 -14.45
C ARG A 188 2.09 12.91 -14.50
N GLN A 189 3.27 13.53 -14.44
CA GLN A 189 3.41 14.97 -14.58
C GLN A 189 4.05 15.28 -15.92
N THR A 190 3.40 16.15 -16.70
CA THR A 190 3.96 16.62 -17.96
C THR A 190 4.64 17.97 -17.84
N GLU A 191 4.62 18.60 -16.67
CA GLU A 191 5.16 19.94 -16.50
C GLU A 191 6.65 19.84 -16.19
N PRO A 192 7.53 20.38 -17.06
CA PRO A 192 8.97 20.22 -16.80
C PRO A 192 9.45 20.93 -15.55
N GLU A 193 8.96 22.15 -15.28
CA GLU A 193 9.38 22.87 -14.09
C GLU A 193 8.83 22.22 -12.82
N PHE A 194 7.66 21.58 -12.92
CA PHE A 194 7.09 20.91 -11.76
C PHE A 194 7.76 19.57 -11.51
N ILE A 195 8.20 18.88 -12.56
CA ILE A 195 8.97 17.66 -12.38
C ILE A 195 10.30 17.97 -11.72
N ASN A 196 10.91 19.10 -12.08
CA ASN A 196 12.23 19.45 -11.54
C ASN A 196 12.16 19.63 -10.03
N VAL A 197 11.19 20.42 -9.56
CA VAL A 197 11.05 20.63 -8.12
C VAL A 197 10.63 19.34 -7.43
N LEU A 198 9.78 18.54 -8.08
CA LEU A 198 9.38 17.24 -7.55
C LEU A 198 10.61 16.36 -7.28
N ASN A 199 11.35 16.02 -8.34
CA ASN A 199 12.54 15.18 -8.20
C ASN A 199 13.55 15.76 -7.23
N ASN A 200 13.55 17.09 -7.02
CA ASN A 200 14.44 17.68 -6.03
C ASN A 200 13.92 17.49 -4.61
N ILE A 201 12.60 17.42 -4.43
CA ILE A 201 12.05 17.01 -3.14
C ILE A 201 12.45 15.57 -2.83
N ARG A 202 12.51 14.72 -3.86
CA ARG A 202 12.82 13.32 -3.66
C ARG A 202 14.28 13.11 -3.27
N ASN A 203 15.20 13.85 -3.90
CA ASN A 203 16.62 13.65 -3.71
C ASN A 203 17.19 14.39 -2.50
N TYR A 204 16.33 15.10 -1.74
CA TYR A 204 16.74 15.89 -0.59
C TYR A 204 17.55 17.11 -1.00
N GLN A 205 17.98 17.17 -2.26
CA GLN A 205 18.69 18.33 -2.78
C GLN A 205 17.65 19.24 -3.45
N VAL A 206 17.35 20.37 -2.81
CA VAL A 206 16.36 21.31 -3.32
C VAL A 206 16.67 22.66 -2.69
N THR A 207 16.21 23.73 -3.35
CA THR A 207 16.47 25.09 -2.90
C THR A 207 15.16 25.82 -2.60
N SER A 208 15.26 26.84 -1.75
CA SER A 208 14.09 27.64 -1.41
C SER A 208 13.59 28.46 -2.59
N ASP A 209 14.40 28.63 -3.64
CA ASP A 209 13.93 29.29 -4.85
C ASP A 209 13.04 28.37 -5.68
N GLU A 210 13.25 27.05 -5.57
CA GLU A 210 12.34 26.10 -6.21
C GLU A 210 11.06 25.95 -5.41
N LEU A 211 11.15 25.99 -4.08
CA LEU A 211 9.97 25.93 -3.23
C LEU A 211 9.10 27.17 -3.39
N ASP A 212 9.63 28.24 -3.98
CA ASP A 212 8.82 29.40 -4.31
C ASP A 212 7.73 29.04 -5.32
N LEU A 213 8.00 28.06 -6.18
CA LEU A 213 7.01 27.61 -7.15
C LEU A 213 5.77 27.02 -6.46
N LEU A 214 5.93 26.50 -5.25
CA LEU A 214 4.86 25.86 -4.51
C LEU A 214 4.07 26.85 -3.64
N SER A 215 4.39 28.15 -3.73
CA SER A 215 3.63 29.14 -2.97
C SER A 215 2.19 29.25 -3.50
N GLU A 216 1.98 28.94 -4.77
CA GLU A 216 0.63 28.99 -5.35
C GLU A 216 -0.28 27.89 -4.82
N LEU A 217 0.27 26.89 -4.14
CA LEU A 217 -0.56 25.84 -3.56
C LEU A 217 -1.32 26.30 -2.33
N LYS A 218 -0.96 27.46 -1.77
CA LYS A 218 -1.73 28.09 -0.70
C LYS A 218 -3.05 28.66 -1.22
N ASP A 219 -3.28 28.61 -2.54
CA ASP A 219 -4.53 29.10 -3.10
C ASP A 219 -5.73 28.36 -2.52
N ARG A 220 -6.77 29.11 -2.21
CA ARG A 220 -8.04 28.59 -1.73
C ARG A 220 -9.04 28.37 -2.86
N LYS A 221 -8.60 28.49 -4.11
CA LYS A 221 -9.42 28.86 -5.26
C LYS A 221 -10.79 28.19 -5.33
N ILE A 222 -10.85 26.89 -5.59
CA ILE A 222 -12.11 26.23 -5.91
C ILE A 222 -12.32 25.04 -4.99
N SER A 223 -13.39 25.08 -4.20
CA SER A 223 -13.93 23.86 -3.60
C SER A 223 -14.81 23.12 -4.58
N SER A 224 -15.59 23.85 -5.38
CA SER A 224 -16.50 23.28 -6.36
C SER A 224 -15.74 22.67 -7.53
N SER A 225 -16.25 21.55 -8.06
CA SER A 225 -17.44 20.89 -7.56
C SER A 225 -17.26 19.38 -7.70
N TYR A 226 -18.32 18.62 -7.45
CA TYR A 226 -18.30 17.16 -7.48
C TYR A 226 -18.51 16.61 -8.89
N ASP A 227 -18.36 17.49 -9.88
CA ASP A 227 -18.49 17.23 -11.31
C ASP A 227 -17.22 16.63 -11.90
N ASN A 228 -16.44 15.87 -11.11
CA ASN A 228 -14.98 15.65 -11.11
C ASN A 228 -14.26 16.15 -9.86
N GLU A 229 -15.01 16.66 -8.89
CA GLU A 229 -14.72 16.48 -7.45
C GLU A 229 -13.34 17.03 -7.03
N TYR A 230 -12.70 16.42 -6.03
CA TYR A 230 -11.53 16.83 -5.27
C TYR A 230 -11.33 15.79 -4.18
N ILE A 231 -10.13 15.75 -3.61
CA ILE A 231 -9.81 14.72 -2.63
C ILE A 231 -8.82 15.29 -1.62
N HIS A 232 -8.90 14.77 -0.39
CA HIS A 232 -8.05 15.17 0.72
C HIS A 232 -7.07 14.05 1.06
N ILE A 233 -5.81 14.39 1.26
CA ILE A 233 -4.76 13.44 1.64
C ILE A 233 -4.03 14.01 2.86
N CYS A 234 -4.11 13.32 3.98
CA CYS A 234 -3.59 13.82 5.25
C CYS A 234 -2.48 12.91 5.77
N THR A 235 -1.60 13.49 6.59
CA THR A 235 -0.48 12.72 7.14
C THR A 235 -0.95 11.78 8.24
N HIS A 236 -1.93 12.20 9.03
CA HIS A 236 -2.39 11.43 10.19
C HIS A 236 -3.84 11.01 10.01
N LYS A 237 -4.20 9.93 10.70
CA LYS A 237 -5.55 9.40 10.63
C LYS A 237 -6.56 10.29 11.34
N ALA A 238 -6.12 11.13 12.28
CA ALA A 238 -7.06 11.99 12.99
C ALA A 238 -7.60 13.08 12.08
N ASP A 239 -6.75 13.63 11.21
CA ASP A 239 -7.22 14.61 10.23
C ASP A 239 -8.14 13.97 9.20
N VAL A 240 -7.82 12.73 8.80
CA VAL A 240 -8.69 11.99 7.90
C VAL A 240 -10.04 11.74 8.57
N GLU A 241 -10.02 11.45 9.87
CA GLU A 241 -11.25 11.16 10.60
C GLU A 241 -12.12 12.40 10.72
N LYS A 242 -11.52 13.56 10.99
CA LYS A 242 -12.29 14.78 11.14
C LYS A 242 -12.81 15.27 9.80
N ILE A 243 -11.97 15.28 8.78
CA ILE A 243 -12.34 15.84 7.48
C ILE A 243 -13.51 15.08 6.87
N ASN A 244 -13.49 13.75 6.97
CA ASN A 244 -14.61 12.96 6.48
C ASN A 244 -15.89 13.32 7.20
N ALA A 245 -15.85 13.38 8.53
CA ALA A 245 -16.99 13.84 9.29
C ALA A 245 -17.26 15.33 9.04
N ASP A 246 -16.22 16.09 8.72
CA ASP A 246 -16.42 17.50 8.38
C ASP A 246 -17.16 17.63 7.05
N LYS A 247 -16.87 16.74 6.11
CA LYS A 247 -17.53 16.75 4.80
C LYS A 247 -18.93 16.16 4.84
N LEU A 248 -19.32 15.53 5.94
CA LEU A 248 -20.66 14.99 6.13
C LEU A 248 -21.32 15.79 7.23
N GLY A 249 -22.31 16.62 6.86
CA GLY A 249 -22.86 17.57 7.81
C GLY A 249 -23.63 16.92 8.94
N GLU A 250 -24.14 15.71 8.70
CA GLU A 250 -24.94 14.97 9.66
C GLU A 250 -26.20 15.74 10.07
N GLN A 251 -26.64 16.66 9.22
CA GLN A 251 -27.98 17.22 9.31
C GLN A 251 -29.00 16.30 8.66
N GLU A 252 -28.53 15.22 8.05
CA GLU A 252 -29.40 14.37 7.25
C GLU A 252 -29.71 13.03 7.93
N ILE A 253 -28.75 12.11 7.96
CA ILE A 253 -29.09 10.69 8.07
C ILE A 253 -28.00 9.80 8.68
N ARG A 254 -28.06 8.51 8.32
CA ARG A 254 -27.88 7.34 9.18
C ARG A 254 -26.61 7.32 10.02
N ASN A 255 -26.75 6.68 11.17
CA ASN A 255 -25.68 6.09 11.96
C ASN A 255 -25.87 4.57 11.99
N TYR A 256 -24.78 3.83 11.82
CA TYR A 256 -24.78 2.37 11.93
C TYR A 256 -23.80 1.96 13.02
N ASP A 257 -24.33 1.40 14.11
CA ASP A 257 -23.53 1.08 15.29
C ASP A 257 -22.93 -0.32 15.20
N ILE A 258 -21.70 -0.45 15.70
CA ILE A 258 -21.07 -1.77 15.81
C ILE A 258 -21.71 -2.56 16.93
N VAL A 259 -21.55 -3.87 16.87
CA VAL A 259 -21.99 -4.79 17.93
C VAL A 259 -20.81 -5.68 18.30
N ILE A 260 -20.52 -5.75 19.59
CA ILE A 260 -19.38 -6.51 20.11
C ILE A 260 -19.90 -7.68 20.93
N LYS A 261 -19.42 -8.88 20.61
CA LYS A 261 -19.68 -10.06 21.40
C LYS A 261 -18.43 -10.42 22.19
N ASP A 262 -18.61 -10.74 23.47
CA ASP A 262 -17.53 -11.11 24.39
C ASP A 262 -16.57 -9.93 24.50
N LYS A 263 -15.26 -10.12 24.38
CA LYS A 263 -14.28 -9.08 24.67
C LYS A 263 -13.48 -8.75 23.41
N PHE A 264 -13.64 -7.52 22.92
CA PHE A 264 -12.95 -7.03 21.73
C PHE A 264 -12.36 -5.66 22.04
N PRO A 265 -11.10 -5.60 22.45
CA PRO A 265 -10.50 -4.32 22.87
C PRO A 265 -10.69 -3.21 21.83
N GLU A 266 -10.91 -2.00 22.33
CA GLU A 266 -11.17 -0.84 21.47
C GLU A 266 -10.07 -0.66 20.43
N SER A 267 -8.84 -0.46 20.88
CA SER A 267 -7.73 -0.16 19.99
C SER A 267 -7.57 -1.19 18.88
N SER A 268 -7.92 -2.45 19.13
CA SER A 268 -7.73 -3.52 18.17
C SER A 268 -8.88 -3.67 17.18
N ILE A 269 -9.95 -2.87 17.32
CA ILE A 269 -11.10 -2.98 16.44
C ILE A 269 -10.75 -2.42 15.07
N PRO A 270 -10.88 -3.22 14.00
CA PRO A 270 -10.47 -2.75 12.67
C PRO A 270 -11.39 -1.70 12.06
N CYS A 271 -12.67 -1.70 12.41
CA CYS A 271 -13.68 -0.95 11.68
C CYS A 271 -14.24 0.18 12.53
N ASP A 272 -15.21 0.90 11.94
CA ASP A 272 -15.84 2.02 12.61
C ASP A 272 -16.74 1.55 13.74
N LEU A 273 -16.63 2.20 14.90
CA LEU A 273 -17.52 1.87 16.01
C LEU A 273 -18.94 2.32 15.70
N HIS A 274 -19.12 3.58 15.31
CA HIS A 274 -20.39 4.10 14.83
C HIS A 274 -20.18 4.61 13.42
N LEU A 275 -20.78 3.94 12.44
CA LEU A 275 -20.60 4.27 11.04
C LEU A 275 -21.69 5.26 10.62
N LYS A 276 -21.28 6.47 10.28
CA LYS A 276 -22.19 7.54 9.88
C LYS A 276 -22.08 7.74 8.38
N LEU A 277 -23.21 7.64 7.69
CA LEU A 277 -23.24 7.75 6.23
C LEU A 277 -24.49 8.49 5.79
N ARG A 278 -24.40 9.17 4.66
CA ARG A 278 -25.55 9.72 3.96
C ARG A 278 -25.52 9.24 2.52
N VAL A 279 -26.54 9.63 1.75
CA VAL A 279 -26.61 9.28 0.34
C VAL A 279 -25.64 10.15 -0.43
N GLY A 280 -24.84 9.53 -1.28
CA GLY A 280 -23.81 10.25 -2.01
C GLY A 280 -22.51 10.41 -1.25
N ALA A 281 -22.28 9.58 -0.24
CA ALA A 281 -21.09 9.69 0.60
C ALA A 281 -19.98 8.80 0.06
N ARG A 282 -18.77 9.34 -0.02
CA ARG A 282 -17.61 8.56 -0.42
C ARG A 282 -17.34 7.46 0.60
N VAL A 283 -17.14 6.24 0.12
CA VAL A 283 -16.92 5.08 0.98
C VAL A 283 -15.78 4.23 0.42
N MET A 284 -15.18 3.44 1.30
CA MET A 284 -14.10 2.55 0.93
C MET A 284 -14.38 1.16 1.49
N SER A 285 -14.20 0.14 0.67
CA SER A 285 -14.40 -1.24 1.11
C SER A 285 -13.27 -1.66 2.04
N LEU A 286 -13.63 -2.16 3.22
CA LEU A 286 -12.65 -2.45 4.27
C LEU A 286 -12.14 -3.88 4.27
N VAL A 287 -12.77 -4.81 3.53
CA VAL A 287 -12.38 -6.22 3.56
C VAL A 287 -12.46 -6.78 2.14
N ASN A 288 -12.09 -8.04 2.00
CA ASN A 288 -12.11 -8.75 0.73
C ASN A 288 -13.26 -9.73 0.73
N ASP A 289 -14.15 -9.60 -0.26
CA ASP A 289 -15.21 -10.57 -0.51
C ASP A 289 -15.21 -10.89 -1.99
N SER A 290 -14.87 -12.13 -2.33
CA SER A 290 -14.83 -12.53 -3.73
C SER A 290 -16.22 -12.81 -4.27
N LEU A 291 -17.13 -13.29 -3.41
CA LEU A 291 -18.51 -13.52 -3.77
C LEU A 291 -19.16 -12.22 -4.27
N LYS A 292 -19.31 -11.24 -3.37
CA LYS A 292 -19.87 -9.95 -3.77
C LYS A 292 -18.98 -9.27 -4.81
N GLY A 293 -17.66 -9.45 -4.70
CA GLY A 293 -16.72 -8.91 -5.66
C GLY A 293 -15.94 -7.70 -5.22
N TYR A 294 -16.13 -7.21 -3.99
CA TYR A 294 -15.38 -6.05 -3.51
C TYR A 294 -14.12 -6.49 -2.78
N TYR A 295 -12.97 -6.14 -3.35
CA TYR A 295 -11.71 -6.26 -2.63
C TYR A 295 -11.52 -5.07 -1.70
N ASN A 296 -10.72 -5.27 -0.65
CA ASN A 296 -10.42 -4.19 0.28
C ASN A 296 -9.59 -3.11 -0.40
N GLY A 297 -9.99 -1.86 -0.19
CA GLY A 297 -9.33 -0.71 -0.79
C GLY A 297 -10.11 -0.08 -1.92
N MET A 298 -11.13 -0.74 -2.44
CA MET A 298 -11.93 -0.17 -3.50
C MET A 298 -12.71 1.04 -2.99
N LEU A 299 -13.06 1.93 -3.91
CA LEU A 299 -13.79 3.14 -3.60
C LEU A 299 -15.17 3.12 -4.24
N GLY A 300 -16.10 3.83 -3.62
CA GLY A 300 -17.46 3.88 -4.13
C GLY A 300 -18.22 5.04 -3.52
N ILE A 301 -19.53 5.03 -3.76
CA ILE A 301 -20.41 6.09 -3.28
C ILE A 301 -21.77 5.46 -2.96
N VAL A 302 -22.38 5.93 -1.87
CA VAL A 302 -23.59 5.29 -1.34
C VAL A 302 -24.80 5.73 -2.18
N THR A 303 -25.45 4.75 -2.82
CA THR A 303 -26.68 5.04 -3.54
C THR A 303 -27.90 5.01 -2.60
N ALA A 304 -27.96 4.04 -1.70
CA ALA A 304 -29.14 3.84 -0.87
C ALA A 304 -28.72 3.35 0.51
N LEU A 305 -29.52 3.71 1.52
CA LEU A 305 -29.29 3.29 2.90
C LEU A 305 -30.57 2.68 3.45
N GLU A 306 -30.53 1.40 3.77
CA GLU A 306 -31.63 0.69 4.41
C GLU A 306 -31.18 0.23 5.79
N ASP A 307 -32.06 -0.50 6.47
CA ASP A 307 -31.77 -1.00 7.82
C ASP A 307 -30.51 -1.86 7.84
N ASN A 308 -30.57 -3.04 7.23
CA ASN A 308 -29.47 -4.00 7.28
C ASN A 308 -28.57 -3.98 6.06
N VAL A 309 -28.86 -3.17 5.05
CA VAL A 309 -28.15 -3.22 3.77
C VAL A 309 -27.73 -1.82 3.36
N ILE A 310 -26.52 -1.70 2.82
CA ILE A 310 -26.03 -0.48 2.18
C ILE A 310 -25.73 -0.80 0.73
N THR A 311 -26.24 0.03 -0.19
CA THR A 311 -26.02 -0.15 -1.61
C THR A 311 -25.03 0.90 -2.10
N VAL A 312 -23.93 0.43 -2.70
CA VAL A 312 -22.82 1.30 -3.08
C VAL A 312 -22.50 1.08 -4.55
N ARG A 313 -22.23 2.17 -5.26
CA ARG A 313 -21.82 2.13 -6.67
C ARG A 313 -20.32 2.40 -6.72
N MET A 314 -19.55 1.37 -7.06
CA MET A 314 -18.10 1.44 -7.01
C MET A 314 -17.54 2.23 -8.19
N ASP A 315 -16.30 2.68 -8.04
CA ASP A 315 -15.62 3.42 -9.10
C ASP A 315 -15.48 2.58 -10.37
N ASN A 316 -15.35 1.26 -10.24
CA ASN A 316 -15.21 0.40 -11.41
C ASN A 316 -16.51 0.28 -12.20
N GLY A 317 -17.62 0.83 -11.70
CA GLY A 317 -18.89 0.79 -12.38
C GLY A 317 -19.84 -0.25 -11.84
N ARG A 318 -19.36 -1.18 -11.04
CA ARG A 318 -20.18 -2.26 -10.51
C ARG A 318 -20.86 -1.82 -9.21
N THR A 319 -22.11 -2.23 -9.04
CA THR A 319 -22.89 -1.91 -7.85
C THR A 319 -22.82 -3.07 -6.88
N ILE A 320 -22.57 -2.77 -5.60
CA ILE A 320 -22.45 -3.77 -4.55
C ILE A 320 -23.42 -3.43 -3.43
N LYS A 321 -24.10 -4.45 -2.91
CA LYS A 321 -24.95 -4.30 -1.73
C LYS A 321 -24.19 -4.87 -0.54
N PHE A 322 -23.77 -3.99 0.36
CA PHE A 322 -22.93 -4.36 1.50
C PHE A 322 -23.80 -4.79 2.68
N GLU A 323 -23.42 -5.88 3.31
CA GLU A 323 -24.02 -6.34 4.56
C GLU A 323 -22.97 -6.25 5.67
N ARG A 324 -23.39 -6.61 6.88
CA ARG A 324 -22.49 -6.50 8.03
C ARG A 324 -21.46 -7.61 8.02
N TYR A 325 -20.19 -7.23 8.11
CA TYR A 325 -19.08 -8.18 8.19
C TYR A 325 -18.70 -8.40 9.64
N THR A 326 -18.34 -9.63 9.97
CA THR A 326 -18.02 -10.01 11.34
C THR A 326 -16.53 -10.32 11.44
N TRP A 327 -15.85 -9.60 12.33
CA TRP A 327 -14.43 -9.85 12.62
C TRP A 327 -14.32 -10.72 13.86
N SER A 328 -13.39 -11.68 13.82
CA SER A 328 -13.17 -12.61 14.92
C SER A 328 -11.87 -12.26 15.62
N ASN A 329 -11.94 -12.08 16.94
CA ASN A 329 -10.76 -11.79 17.76
C ASN A 329 -10.33 -13.08 18.44
N THR A 330 -9.19 -13.62 18.01
CA THR A 330 -8.65 -14.86 18.54
C THR A 330 -7.28 -14.59 19.15
N GLN A 331 -7.01 -15.23 20.27
CA GLN A 331 -5.73 -15.09 20.96
C GLN A 331 -5.38 -16.41 21.62
N TYR A 332 -4.32 -16.41 22.41
CA TYR A 332 -3.71 -17.63 22.92
C TYR A 332 -4.11 -17.82 24.39
N THR A 333 -4.93 -18.83 24.65
CA THR A 333 -5.39 -19.12 26.01
C THR A 333 -5.11 -20.57 26.37
N LEU A 334 -5.60 -21.01 27.53
CA LEU A 334 -5.31 -22.34 28.04
C LEU A 334 -6.62 -23.12 28.21
N LYS A 335 -6.79 -24.15 27.39
CA LYS A 335 -7.77 -25.20 27.68
C LYS A 335 -7.03 -26.44 28.15
N ASP A 336 -7.80 -27.45 28.60
CA ASP A 336 -7.24 -28.71 29.09
C ASP A 336 -6.01 -28.42 29.95
N ASN A 337 -4.88 -29.02 29.60
CA ASN A 337 -3.58 -28.39 29.79
C ASN A 337 -2.94 -28.33 28.40
N GLU A 338 -2.95 -27.13 27.81
CA GLU A 338 -2.42 -26.88 26.47
C GLU A 338 -2.74 -25.46 26.04
N ILE A 339 -2.04 -24.97 25.01
CA ILE A 339 -2.34 -23.67 24.42
C ILE A 339 -3.46 -23.83 23.39
N VAL A 340 -4.30 -22.81 23.26
CA VAL A 340 -5.45 -22.87 22.38
C VAL A 340 -5.67 -21.50 21.74
N LYS A 341 -6.25 -21.52 20.54
CA LYS A 341 -6.46 -20.36 19.69
C LYS A 341 -7.84 -19.73 19.86
N GLU A 342 -8.62 -20.15 20.85
CA GLU A 342 -10.05 -19.89 20.90
C GLU A 342 -10.37 -18.41 20.74
N GLU A 343 -11.53 -18.14 20.14
CA GLU A 343 -12.00 -16.78 19.91
C GLU A 343 -12.56 -16.22 21.21
N ILE A 344 -11.98 -15.11 21.68
CA ILE A 344 -12.43 -14.45 22.89
C ILE A 344 -13.40 -13.30 22.63
N GLY A 345 -13.76 -13.07 21.37
CA GLY A 345 -14.68 -11.99 21.05
C GLY A 345 -14.87 -11.77 19.57
N SER A 346 -15.94 -11.06 19.20
CA SER A 346 -16.23 -10.76 17.81
C SER A 346 -16.95 -9.43 17.72
N CYS A 347 -16.65 -8.67 16.66
CA CYS A 347 -17.33 -7.42 16.37
C CYS A 347 -17.92 -7.49 14.97
N THR A 348 -19.04 -6.80 14.78
CA THR A 348 -19.76 -6.85 13.51
C THR A 348 -20.20 -5.45 13.10
N GLN A 349 -19.88 -5.09 11.86
CA GLN A 349 -20.23 -3.78 11.31
C GLN A 349 -20.17 -3.91 9.79
N PHE A 350 -20.57 -2.85 9.09
CA PHE A 350 -20.41 -2.84 7.65
C PHE A 350 -18.95 -2.53 7.29
N PRO A 351 -18.38 -3.24 6.33
CA PRO A 351 -16.98 -3.03 5.95
C PRO A 351 -16.80 -1.79 5.06
N LEU A 352 -17.20 -0.64 5.58
CA LEU A 352 -17.12 0.62 4.84
C LEU A 352 -16.62 1.72 5.75
N THR A 353 -15.97 2.71 5.15
CA THR A 353 -15.52 3.90 5.87
C THR A 353 -15.49 5.06 4.90
N LEU A 354 -15.59 6.27 5.44
CA LEU A 354 -15.71 7.47 4.61
C LEU A 354 -14.40 7.72 3.87
N ALA A 355 -14.49 7.82 2.54
CA ALA A 355 -13.33 7.89 1.66
C ALA A 355 -12.97 9.31 1.22
N TRP A 356 -13.67 10.34 1.70
CA TRP A 356 -13.37 11.70 1.26
C TRP A 356 -11.91 12.07 1.53
N ALA A 357 -11.45 11.83 2.75
CA ALA A 357 -10.06 12.03 3.09
C ALA A 357 -9.33 10.68 3.06
N ILE A 358 -8.03 10.71 3.33
CA ILE A 358 -7.18 9.53 3.17
C ILE A 358 -5.77 9.87 3.64
N THR A 359 -4.95 8.85 3.84
CA THR A 359 -3.58 9.01 4.30
C THR A 359 -2.63 8.88 3.12
N ILE A 360 -1.53 9.64 3.18
CA ILE A 360 -0.48 9.51 2.17
C ILE A 360 -0.08 8.04 2.00
N HIS A 361 -0.02 7.30 3.11
CA HIS A 361 0.30 5.88 3.04
C HIS A 361 -0.69 5.13 2.16
N LYS A 362 -1.99 5.29 2.42
CA LYS A 362 -2.99 4.64 1.59
C LYS A 362 -3.00 5.20 0.16
N SER A 363 -2.67 6.47 0.00
CA SER A 363 -2.73 7.12 -1.31
C SER A 363 -1.54 6.80 -2.20
N GLN A 364 -0.51 6.13 -1.68
CA GLN A 364 0.67 5.84 -2.47
C GLN A 364 0.34 4.87 -3.60
N GLY A 365 0.73 5.25 -4.82
CA GLY A 365 0.40 4.51 -6.02
C GLY A 365 -0.73 5.09 -6.83
N LEU A 366 -1.57 5.92 -6.22
CA LEU A 366 -2.73 6.49 -6.89
C LEU A 366 -2.34 7.70 -7.75
N THR A 367 -3.19 7.98 -8.74
CA THR A 367 -3.05 9.12 -9.63
C THR A 367 -4.31 9.97 -9.54
N PHE A 368 -4.15 11.29 -9.57
CA PHE A 368 -5.28 12.20 -9.44
C PHE A 368 -5.10 13.43 -10.31
N ASP A 369 -6.22 13.99 -10.76
CA ASP A 369 -6.20 15.28 -11.44
C ASP A 369 -6.20 16.44 -10.45
N LYS A 370 -6.97 16.33 -9.37
CA LYS A 370 -7.07 17.40 -8.38
C LYS A 370 -7.01 16.79 -6.98
N ILE A 371 -6.08 17.28 -6.17
CA ILE A 371 -5.95 16.85 -4.77
C ILE A 371 -5.92 18.07 -3.87
N ILE A 372 -6.25 17.85 -2.60
CA ILE A 372 -6.06 18.82 -1.55
C ILE A 372 -5.12 18.18 -0.53
N ILE A 373 -3.90 18.71 -0.45
CA ILE A 373 -2.87 18.14 0.40
C ILE A 373 -2.98 18.77 1.78
N HIS A 374 -3.16 17.93 2.80
CA HIS A 374 -2.93 18.35 4.18
C HIS A 374 -1.62 17.73 4.64
N VAL A 375 -0.57 18.55 4.68
CA VAL A 375 0.64 18.27 5.42
C VAL A 375 0.94 19.52 6.25
N SER A 376 0.80 19.40 7.56
CA SER A 376 1.12 20.48 8.47
C SER A 376 2.58 20.31 8.87
N HIS A 377 3.04 20.98 9.93
CA HIS A 377 4.32 20.54 10.47
C HIS A 377 3.98 19.44 11.46
N THR A 378 3.89 18.24 10.92
CA THR A 378 3.92 16.92 11.55
C THR A 378 4.28 15.97 10.41
N PHE A 379 5.13 14.97 10.67
CA PHE A 379 5.62 14.21 9.51
C PHE A 379 6.19 12.86 9.93
N CYS A 380 6.84 12.22 8.95
CA CYS A 380 7.35 10.87 8.79
C CYS A 380 8.12 10.89 7.47
N PRO A 381 9.20 10.13 7.33
CA PRO A 381 10.16 10.39 6.24
C PRO A 381 9.56 10.13 4.86
N GLY A 382 10.00 10.96 3.90
CA GLY A 382 9.59 10.84 2.51
C GLY A 382 8.13 11.10 2.22
N GLN A 383 7.35 11.52 3.23
CA GLN A 383 5.91 11.58 3.07
C GLN A 383 5.48 12.70 2.13
N LEU A 384 6.23 13.79 2.07
CA LEU A 384 5.83 14.94 1.25
C LEU A 384 5.96 14.64 -0.24
N TYR A 385 7.02 13.95 -0.65
CA TYR A 385 7.23 13.65 -2.06
C TYR A 385 6.08 12.84 -2.63
N VAL A 386 5.56 11.90 -1.84
CA VAL A 386 4.37 11.14 -2.25
C VAL A 386 3.20 12.09 -2.53
N ALA A 387 2.78 12.83 -1.49
CA ALA A 387 1.58 13.66 -1.58
C ALA A 387 1.62 14.61 -2.78
N LEU A 388 2.77 15.23 -3.03
CA LEU A 388 2.88 16.14 -4.17
C LEU A 388 2.75 15.40 -5.49
N SER A 389 3.45 14.28 -5.63
CA SER A 389 3.54 13.58 -6.91
C SER A 389 2.27 12.83 -7.27
N ARG A 390 1.27 12.76 -6.39
CA ARG A 390 0.02 12.09 -6.74
C ARG A 390 -0.68 12.80 -7.89
N CYS A 391 -0.66 14.13 -7.88
CA CYS A 391 -1.40 14.92 -8.86
C CYS A 391 -0.64 15.04 -10.17
N ARG A 392 -1.40 15.13 -11.26
CA ARG A 392 -0.80 15.28 -12.58
C ARG A 392 -0.35 16.71 -12.86
N THR A 393 -0.98 17.70 -12.22
CA THR A 393 -0.73 19.10 -12.52
C THR A 393 -0.40 19.87 -11.25
N LEU A 394 0.36 20.96 -11.44
CA LEU A 394 0.69 21.82 -10.30
C LEU A 394 -0.53 22.62 -9.85
N GLU A 395 -1.39 23.02 -10.80
CA GLU A 395 -2.56 23.81 -10.46
C GLU A 395 -3.52 23.01 -9.59
N GLY A 396 -3.73 21.74 -9.91
CA GLY A 396 -4.69 20.91 -9.20
C GLY A 396 -4.35 20.64 -7.74
N ILE A 397 -3.14 20.97 -7.31
CA ILE A 397 -2.72 20.75 -5.94
C ILE A 397 -3.16 21.92 -5.08
N VAL A 398 -3.77 21.62 -3.94
CA VAL A 398 -4.18 22.62 -2.96
C VAL A 398 -3.58 22.21 -1.62
N SER A 399 -2.91 23.17 -0.95
CA SER A 399 -2.19 22.88 0.28
C SER A 399 -2.84 23.56 1.47
N ASP A 400 -2.71 22.92 2.64
CA ASP A 400 -3.15 23.50 3.89
C ASP A 400 -2.17 24.55 4.42
N ALA A 401 -0.89 24.40 4.10
CA ALA A 401 0.15 25.27 4.61
C ALA A 401 1.28 25.34 3.59
N PHE A 402 2.15 26.32 3.77
CA PHE A 402 3.28 26.50 2.87
C PHE A 402 4.23 25.30 2.96
N ILE A 403 4.86 25.00 1.83
CA ILE A 403 5.77 23.86 1.74
C ILE A 403 7.16 24.32 2.15
N THR A 404 7.71 23.69 3.19
CA THR A 404 9.00 24.06 3.75
C THR A 404 9.97 22.89 3.66
N LYS A 405 11.27 23.23 3.72
CA LYS A 405 12.30 22.19 3.78
C LYS A 405 12.20 21.37 5.07
N GLN A 406 11.56 21.91 6.11
CA GLN A 406 11.31 21.14 7.32
C GLN A 406 10.54 19.87 7.02
N MET A 407 9.68 19.89 6.00
CA MET A 407 8.92 18.72 5.62
C MET A 407 9.77 17.61 5.02
N ILE A 408 11.03 17.88 4.71
CA ILE A 408 11.92 16.90 4.10
C ILE A 408 12.65 16.14 5.20
N ILE A 409 12.45 14.83 5.25
CA ILE A 409 13.25 13.98 6.13
C ILE A 409 14.10 13.05 5.28
N PRO A 410 15.40 13.31 5.16
CA PRO A 410 16.26 12.39 4.42
C PRO A 410 16.50 11.09 5.17
N GLU A 411 16.72 10.03 4.40
CA GLU A 411 17.14 8.74 4.93
C GLU A 411 18.40 8.31 4.19
N TYR A 412 19.52 8.21 4.91
CA TYR A 412 20.81 7.96 4.29
C TYR A 412 21.08 6.48 4.04
N ALA A 413 20.25 5.58 4.59
CA ALA A 413 20.39 4.17 4.25
C ALA A 413 20.04 3.93 2.79
N LEU A 414 19.15 4.74 2.22
CA LEU A 414 18.83 4.63 0.80
C LEU A 414 19.97 5.17 -0.06
N ILE A 415 20.73 6.13 0.46
CA ILE A 415 21.92 6.59 -0.24
C ILE A 415 22.96 5.49 -0.31
N ASP A 416 23.18 4.79 0.80
CA ASP A 416 24.16 3.70 0.83
C ASP A 416 23.70 2.52 -0.03
N PHE A 417 22.41 2.20 0.01
CA PHE A 417 21.91 1.09 -0.78
C PHE A 417 22.09 1.34 -2.27
N GLU A 418 21.90 2.60 -2.70
CA GLU A 418 22.09 2.92 -4.11
C GLU A 418 23.55 2.74 -4.53
N ARG A 419 24.49 3.13 -3.66
CA ARG A 419 25.90 2.93 -3.97
C ARG A 419 26.23 1.45 -4.08
N ALA A 420 25.64 0.63 -3.21
CA ALA A 420 25.95 -0.80 -3.14
C ALA A 420 25.68 -1.51 -4.46
N TYR A 421 24.41 -1.59 -4.87
CA TYR A 421 24.07 -2.40 -6.04
C TYR A 421 24.59 -1.79 -7.33
N LYS A 422 24.71 -0.45 -7.39
CA LYS A 422 25.25 0.18 -8.58
C LYS A 422 26.72 -0.14 -8.79
N SER A 423 27.40 -0.65 -7.77
CA SER A 423 28.78 -1.07 -7.90
C SER A 423 28.90 -2.43 -8.58
N GLU A 424 27.97 -3.35 -8.34
CA GLU A 424 27.98 -4.65 -9.01
C GLU A 424 26.77 -4.73 -9.93
N GLY A 425 27.01 -4.57 -11.23
CA GLY A 425 26.08 -4.96 -12.29
C GLY A 425 24.62 -4.58 -12.09
N ASN A 426 24.35 -3.51 -11.36
CA ASN A 426 23.02 -3.19 -10.86
C ASN A 426 22.34 -4.43 -10.29
N TYR A 427 22.94 -4.96 -9.22
CA TYR A 427 22.48 -6.19 -8.61
C TYR A 427 22.76 -6.13 -7.13
N TYR A 428 21.84 -6.70 -6.33
CA TYR A 428 21.97 -6.73 -4.88
C TYR A 428 21.71 -8.14 -4.38
N GLY A 429 22.44 -8.54 -3.35
CA GLY A 429 22.28 -9.85 -2.76
C GLY A 429 23.29 -10.85 -3.29
N LYS A 430 22.97 -12.12 -3.07
CA LYS A 430 23.81 -13.22 -3.52
C LYS A 430 23.56 -13.52 -4.99
N ARG A 431 24.64 -13.83 -5.70
CA ARG A 431 24.54 -14.17 -7.13
C ARG A 431 24.50 -15.69 -7.32
N LEU A 432 25.05 -16.45 -6.53
#